data_2EX5
#
_entry.id   2EX5
#
_cell.length_a   50.234
_cell.length_b   69.176
_cell.length_c   169.414
_cell.angle_alpha   90.00
_cell.angle_beta   90.00
_cell.angle_gamma   90.00
#
_symmetry.space_group_name_H-M   'P 21 21 21'
#
loop_
_entity.id
_entity.type
_entity.pdbx_description
1 polymer 'I-CeuI DNA target site'
2 polymer 'I-CeuI DNA target site, complementary strand'
3 polymer 'DNA endonuclease I-CeuI'
4 non-polymer 'CALCIUM ION'
5 water water
#
loop_
_entity_poly.entity_id
_entity_poly.type
_entity_poly.pdbx_seq_one_letter_code
_entity_poly.pdbx_strand_id
1 'polydeoxyribonucleotide'
;(DC)(DG)(DA)(DT)(DA)(DA)(DC)(DG)(DG)(DT)(DC)(DC)(DT)(DA)(DA)(DG)(DG)(DT)(DA)(DG)
(DC)(DG)(DA)(DA)(DG)(DC)
;
X
2 'polydeoxyribonucleotide'
;(DG)(DC)(DT)(DT)(DC)(DG)(DC)(DT)(DA)(DC)(DC)(DT)(DT)(DA)(DG)(DG)(DA)(DC)(DC)(DG)
(DT)(DT)(DA)(DT)(DC)(DG)
;
Y
3 'polypeptide(L)'
;ILKPGEKLPQDKLEELKKINDAVKKTKNFSKYLIDLRKLFQIDEVQVTSESKLFLAGFLEGEASLNISTKKLATSKFGLV
VDPEFNVTRHVNGVKVLYLALEVFKTGRIRHKSGSNATLVLTIDNRQSLEEKVIPFYEQYVVAFSSPEKVKRVANFKALL
ELFNNDAHQDLEQLVNKILPIWDQMRKQQGQSNEGFPNLEAAQDFAR
;
A,B
#
loop_
_chem_comp.id
_chem_comp.type
_chem_comp.name
_chem_comp.formula
CA non-polymer 'CALCIUM ION' 'Ca 2'
DA DNA linking 2'-DEOXYADENOSINE-5'-MONOPHOSPHATE 'C10 H14 N5 O6 P'
DC DNA linking 2'-DEOXYCYTIDINE-5'-MONOPHOSPHATE 'C9 H14 N3 O7 P'
DG DNA linking 2'-DEOXYGUANOSINE-5'-MONOPHOSPHATE 'C10 H14 N5 O7 P'
DT DNA linking THYMIDINE-5'-MONOPHOSPHATE 'C10 H15 N2 O8 P'
#
# COMPACT_ATOMS: atom_id res chain seq x y z
N ILE C 1 12.86 -10.79 10.92
CA ILE C 1 12.64 -9.29 10.63
C ILE C 1 13.92 -8.57 10.20
N LEU C 2 14.07 -8.38 8.90
CA LEU C 2 15.18 -7.58 8.36
C LEU C 2 15.04 -6.05 8.56
N LYS C 3 16.15 -5.41 8.97
CA LYS C 3 16.29 -3.96 9.12
C LYS C 3 16.42 -3.37 7.77
N PRO C 4 16.10 -2.07 7.62
CA PRO C 4 16.40 -1.37 6.36
C PRO C 4 17.83 -1.57 5.94
N GLY C 5 18.03 -2.07 4.72
CA GLY C 5 19.36 -2.15 4.10
C GLY C 5 19.96 -3.55 4.17
N GLU C 6 19.34 -4.40 4.97
CA GLU C 6 19.61 -5.84 5.05
C GLU C 6 19.03 -6.62 3.86
N LYS C 7 19.90 -7.24 3.05
CA LYS C 7 19.47 -8.04 1.95
C LYS C 7 18.88 -9.33 2.55
N LEU C 8 17.86 -9.91 1.92
CA LEU C 8 17.37 -11.24 2.27
C LEU C 8 18.54 -12.25 2.05
N PRO C 9 18.83 -13.10 3.03
CA PRO C 9 20.14 -13.80 2.86
C PRO C 9 20.08 -14.86 1.77
N GLN C 10 21.24 -15.18 1.23
CA GLN C 10 21.33 -15.94 -0.02
C GLN C 10 20.90 -17.37 0.12
N ASP C 11 20.91 -17.86 1.35
CA ASP C 11 20.41 -19.20 1.64
C ASP C 11 18.89 -19.30 1.43
N LYS C 12 18.21 -18.20 1.81
CA LYS C 12 16.74 -18.06 1.61
C LYS C 12 16.42 -17.88 0.15
N LEU C 13 17.16 -17.00 -0.55
CA LEU C 13 16.97 -16.86 -1.99
C LEU C 13 17.04 -18.18 -2.72
N GLU C 14 18.07 -18.99 -2.41
CA GLU C 14 18.30 -20.29 -3.06
C GLU C 14 17.25 -21.29 -2.76
N GLU C 15 16.87 -21.30 -1.50
CA GLU C 15 15.76 -22.11 -1.01
C GLU C 15 14.40 -21.76 -1.66
N LEU C 16 14.07 -20.48 -1.79
CA LEU C 16 12.92 -20.02 -2.64
C LEU C 16 12.99 -20.49 -4.10
N LYS C 17 14.19 -20.42 -4.73
CA LYS C 17 14.26 -21.00 -6.10
C LYS C 17 13.99 -22.48 -6.07
N LYS C 18 14.60 -23.26 -5.17
CA LYS C 18 14.40 -24.77 -5.23
C LYS C 18 12.90 -24.97 -5.06
N ILE C 19 12.31 -24.17 -4.17
CA ILE C 19 10.88 -24.36 -3.82
C ILE C 19 10.05 -24.08 -5.07
N ASN C 20 10.32 -22.95 -5.82
CA ASN C 20 9.59 -22.68 -7.13
C ASN C 20 9.86 -23.71 -8.19
N ASP C 21 11.11 -24.15 -8.23
CA ASP C 21 11.54 -25.27 -9.17
C ASP C 21 10.79 -26.57 -8.85
N ALA C 22 10.66 -26.90 -7.56
CA ALA C 22 9.75 -28.07 -7.12
C ALA C 22 8.24 -28.01 -7.52
N VAL C 23 7.51 -26.89 -7.25
CA VAL C 23 6.08 -26.84 -7.69
C VAL C 23 5.80 -26.87 -9.22
N LYS C 24 6.80 -26.36 -9.97
CA LYS C 24 6.73 -26.38 -11.46
C LYS C 24 6.92 -27.87 -11.91
N LYS C 25 7.87 -28.57 -11.31
CA LYS C 25 7.98 -30.01 -11.67
C LYS C 25 6.77 -30.85 -11.23
N THR C 26 6.34 -30.75 -9.97
CA THR C 26 5.17 -31.60 -9.45
C THR C 26 3.76 -31.08 -9.64
N LYS C 27 3.55 -29.75 -9.52
CA LYS C 27 2.18 -29.17 -9.64
C LYS C 27 1.37 -29.36 -8.36
N ASN C 28 2.12 -29.52 -7.28
CA ASN C 28 1.61 -29.80 -5.92
C ASN C 28 1.60 -28.52 -5.17
N PHE C 29 0.46 -27.84 -5.26
CA PHE C 29 0.35 -26.46 -4.73
C PHE C 29 0.31 -26.41 -3.19
N SER C 30 -0.50 -27.29 -2.62
CA SER C 30 -0.51 -27.52 -1.14
C SER C 30 0.89 -27.69 -0.61
N LYS C 31 1.73 -28.40 -1.34
CA LYS C 31 3.09 -28.55 -0.92
C LYS C 31 3.97 -27.28 -1.08
N TYR C 32 3.76 -26.51 -2.17
CA TYR C 32 4.35 -25.14 -2.34
C TYR C 32 3.98 -24.35 -1.10
N LEU C 33 2.71 -24.26 -0.74
CA LEU C 33 2.37 -23.58 0.50
C LEU C 33 3.15 -24.02 1.79
N ILE C 34 3.29 -25.34 1.98
CA ILE C 34 4.01 -25.93 3.09
C ILE C 34 5.44 -25.53 3.08
N ASP C 35 6.07 -25.59 1.92
CA ASP C 35 7.47 -25.14 1.81
C ASP C 35 7.66 -23.64 2.13
N LEU C 36 6.73 -22.82 1.68
CA LEU C 36 6.82 -21.37 1.97
C LEU C 36 6.54 -21.14 3.42
N ARG C 37 5.51 -21.82 3.96
CA ARG C 37 5.27 -21.68 5.38
C ARG C 37 6.53 -21.97 6.14
N LYS C 38 7.20 -23.06 5.80
CA LYS C 38 8.37 -23.42 6.62
C LYS C 38 9.60 -22.51 6.31
N LEU C 39 9.92 -22.28 5.03
CA LEU C 39 10.99 -21.27 4.67
C LEU C 39 10.89 -19.91 5.43
N PHE C 40 9.67 -19.37 5.51
CA PHE C 40 9.45 -18.08 6.18
C PHE C 40 8.85 -18.14 7.62
N GLN C 41 8.60 -19.34 8.15
CA GLN C 41 8.02 -19.47 9.51
C GLN C 41 6.73 -18.63 9.70
N ILE C 42 5.72 -19.01 8.94
CA ILE C 42 4.51 -18.24 8.72
C ILE C 42 3.43 -19.01 9.43
N ASP C 43 2.62 -18.35 10.27
CA ASP C 43 1.47 -19.01 10.87
C ASP C 43 0.32 -19.39 9.87
N GLU C 44 0.15 -20.70 9.67
CA GLU C 44 -0.82 -21.32 8.75
C GLU C 44 -2.25 -20.81 8.96
N VAL C 45 -3.02 -20.61 7.89
CA VAL C 45 -4.22 -19.74 8.04
C VAL C 45 -5.56 -20.31 7.54
N GLN C 46 -6.60 -20.01 8.34
CA GLN C 46 -7.99 -19.88 7.91
C GLN C 46 -8.17 -18.71 6.91
N VAL C 47 -8.70 -19.07 5.76
CA VAL C 47 -9.25 -18.10 4.89
C VAL C 47 -10.69 -17.93 5.37
N THR C 48 -10.99 -16.74 5.93
CA THR C 48 -12.37 -16.39 6.34
C THR C 48 -12.82 -15.24 5.54
N SER C 49 -14.14 -14.98 5.64
CA SER C 49 -14.80 -13.84 5.04
C SER C 49 -14.04 -12.57 5.45
N GLU C 50 -13.68 -12.55 6.71
CA GLU C 50 -12.90 -11.51 7.40
C GLU C 50 -11.46 -11.28 6.82
N SER C 51 -10.74 -12.37 6.56
CA SER C 51 -9.38 -12.26 6.12
C SER C 51 -9.27 -11.90 4.62
N LYS C 52 -10.33 -12.20 3.86
CA LYS C 52 -10.59 -11.75 2.53
C LYS C 52 -10.87 -10.26 2.34
N LEU C 53 -11.62 -9.70 3.28
CA LEU C 53 -11.90 -8.27 3.27
C LEU C 53 -10.62 -7.52 3.58
N PHE C 54 -9.80 -8.04 4.49
CA PHE C 54 -8.50 -7.49 4.87
C PHE C 54 -7.56 -7.60 3.62
N LEU C 55 -7.58 -8.71 2.89
CA LEU C 55 -6.76 -8.80 1.75
C LEU C 55 -7.25 -7.79 0.69
N ALA C 56 -8.57 -7.58 0.55
CA ALA C 56 -9.12 -6.60 -0.40
C ALA C 56 -8.49 -5.25 -0.17
N GLY C 57 -8.40 -4.79 1.05
CA GLY C 57 -7.82 -3.47 1.38
C GLY C 57 -6.35 -3.49 1.06
N PHE C 58 -5.72 -4.60 1.33
CA PHE C 58 -4.27 -4.67 1.09
C PHE C 58 -3.93 -4.52 -0.43
N LEU C 59 -4.75 -5.16 -1.28
CA LEU C 59 -4.56 -5.21 -2.68
C LEU C 59 -4.87 -3.85 -3.33
N GLU C 60 -5.87 -3.15 -2.79
CA GLU C 60 -6.13 -1.76 -3.17
C GLU C 60 -4.85 -0.93 -2.99
N GLY C 61 -4.10 -1.26 -1.93
CA GLY C 61 -2.84 -0.70 -1.59
C GLY C 61 -1.63 -1.13 -2.40
N GLU C 62 -1.43 -2.43 -2.66
CA GLU C 62 -0.11 -2.96 -2.99
C GLU C 62 -0.09 -3.78 -4.30
N ALA C 63 -1.27 -4.03 -4.86
CA ALA C 63 -1.46 -4.93 -6.02
C ALA C 63 -1.60 -4.06 -7.27
N SER C 64 -1.47 -4.67 -8.43
CA SER C 64 -1.41 -3.96 -9.64
C SER C 64 -1.98 -4.89 -10.62
N LEU C 65 -2.96 -4.42 -11.39
CA LEU C 65 -3.42 -5.11 -12.54
C LEU C 65 -2.90 -4.34 -13.74
N ASN C 66 -2.08 -4.99 -14.60
CA ASN C 66 -1.44 -4.15 -15.61
C ASN C 66 -1.37 -4.82 -16.95
N ILE C 67 -1.19 -4.05 -18.01
CA ILE C 67 -1.19 -4.57 -19.34
C ILE C 67 0.00 -4.02 -20.01
N SER C 68 0.82 -4.93 -20.51
CA SER C 68 1.98 -4.55 -21.22
C SER C 68 1.90 -4.81 -22.74
N THR C 69 2.50 -3.93 -23.58
CA THR C 69 2.45 -4.11 -25.00
C THR C 69 3.84 -4.04 -25.53
N LYS C 70 4.26 -5.14 -26.17
CA LYS C 70 5.69 -5.36 -26.41
C LYS C 70 5.94 -6.10 -27.69
N LYS C 71 7.10 -5.85 -28.29
CA LYS C 71 7.41 -6.48 -29.57
C LYS C 71 7.66 -7.97 -29.31
N LEU C 72 7.05 -8.80 -30.16
CA LEU C 72 7.39 -10.17 -30.25
C LEU C 72 7.43 -10.54 -31.73
N ALA C 73 8.64 -10.71 -32.29
CA ALA C 73 8.91 -10.98 -33.73
C ALA C 73 8.10 -12.10 -34.38
N THR C 74 7.90 -13.17 -33.62
CA THR C 74 7.21 -14.36 -34.06
C THR C 74 5.64 -14.33 -33.99
N SER C 75 5.05 -13.20 -33.58
CA SER C 75 3.63 -13.21 -33.33
C SER C 75 2.91 -12.79 -34.59
N LYS C 76 1.66 -13.19 -34.70
CA LYS C 76 0.85 -12.76 -35.86
C LYS C 76 1.04 -11.28 -36.33
N PHE C 77 1.19 -10.35 -35.37
CA PHE C 77 1.36 -8.90 -35.67
C PHE C 77 2.63 -8.26 -35.16
N GLY C 78 3.52 -9.05 -34.53
CA GLY C 78 4.85 -8.51 -34.17
C GLY C 78 4.86 -7.91 -32.80
N LEU C 79 3.70 -7.90 -32.18
CA LEU C 79 3.57 -7.36 -30.85
C LEU C 79 2.56 -8.18 -30.03
N VAL C 80 2.71 -8.18 -28.73
CA VAL C 80 1.75 -8.95 -27.87
C VAL C 80 1.26 -7.99 -26.79
N VAL C 81 -0.01 -8.10 -26.44
CA VAL C 81 -0.61 -7.35 -25.36
C VAL C 81 -0.78 -8.30 -24.16
N ASP C 82 -0.26 -7.93 -23.02
CA ASP C 82 -0.11 -8.94 -22.02
C ASP C 82 -0.54 -8.49 -20.66
N PRO C 83 -1.64 -9.10 -20.11
CA PRO C 83 -2.17 -8.83 -18.76
C PRO C 83 -1.37 -9.56 -17.65
N GLU C 84 -1.23 -8.91 -16.53
CA GLU C 84 -0.53 -9.49 -15.39
C GLU C 84 -1.21 -8.90 -14.15
N PHE C 85 -1.41 -9.72 -13.11
CA PHE C 85 -1.67 -9.23 -11.74
C PHE C 85 -0.44 -9.40 -10.87
N ASN C 86 -0.04 -8.46 -10.00
CA ASN C 86 1.08 -8.79 -9.11
C ASN C 86 0.87 -8.05 -7.87
N VAL C 87 1.60 -8.48 -6.82
CA VAL C 87 1.58 -7.84 -5.48
C VAL C 87 2.95 -7.96 -4.90
N THR C 88 3.46 -6.85 -4.37
CA THR C 88 4.81 -6.63 -3.98
C THR C 88 4.79 -6.29 -2.52
N ARG C 89 5.76 -6.86 -1.82
CA ARG C 89 5.88 -6.59 -0.39
C ARG C 89 7.26 -7.00 0.04
N HIS C 90 7.90 -6.21 0.86
CA HIS C 90 9.08 -6.63 1.57
C HIS C 90 8.84 -7.96 2.27
N VAL C 91 9.85 -8.83 2.22
CA VAL C 91 9.83 -10.09 2.97
C VAL C 91 9.21 -10.06 4.42
N ASN C 92 9.48 -9.05 5.26
CA ASN C 92 8.78 -8.94 6.57
C ASN C 92 7.22 -8.98 6.52
N GLY C 93 6.64 -8.82 5.35
CA GLY C 93 5.20 -8.96 5.19
C GLY C 93 4.69 -10.07 4.31
N VAL C 94 5.56 -11.03 3.97
CA VAL C 94 5.22 -12.27 3.30
C VAL C 94 3.94 -12.95 3.76
N LYS C 95 3.62 -12.76 5.02
CA LYS C 95 2.46 -13.38 5.61
C LYS C 95 1.16 -13.03 4.92
N VAL C 96 0.93 -11.75 4.64
CA VAL C 96 -0.19 -11.33 3.73
C VAL C 96 -0.06 -11.79 2.26
N LEU C 97 1.16 -11.86 1.71
CA LEU C 97 1.42 -12.50 0.38
C LEU C 97 0.97 -14.02 0.37
N TYR C 98 1.28 -14.69 1.49
CA TYR C 98 0.86 -16.09 1.74
C TYR C 98 -0.68 -16.18 1.81
N LEU C 99 -1.27 -15.26 2.53
CA LEU C 99 -2.74 -15.15 2.48
C LEU C 99 -3.28 -15.03 1.06
N ALA C 100 -2.79 -14.07 0.22
CA ALA C 100 -3.24 -14.05 -1.20
C ALA C 100 -3.15 -15.39 -1.94
N LEU C 101 -1.99 -16.04 -1.85
CA LEU C 101 -1.72 -17.40 -2.44
C LEU C 101 -2.79 -18.38 -2.00
N GLU C 102 -3.00 -18.34 -0.67
CA GLU C 102 -4.00 -19.19 -0.03
C GLU C 102 -5.41 -18.85 -0.55
N VAL C 103 -5.79 -17.57 -0.69
CA VAL C 103 -7.09 -17.27 -1.31
C VAL C 103 -7.21 -17.45 -2.81
N PHE C 104 -6.16 -17.14 -3.60
CA PHE C 104 -6.36 -17.46 -5.00
C PHE C 104 -6.15 -18.92 -5.34
N LYS C 105 -5.49 -19.71 -4.49
CA LYS C 105 -5.14 -21.11 -4.89
C LYS C 105 -4.16 -21.30 -6.05
N THR C 106 -3.39 -20.24 -6.40
CA THR C 106 -2.48 -20.21 -7.56
C THR C 106 -1.61 -18.91 -7.34
N GLY C 107 -0.56 -18.74 -8.15
CA GLY C 107 0.38 -17.67 -8.02
C GLY C 107 1.66 -18.29 -7.60
N ARG C 108 2.69 -17.44 -7.68
CA ARG C 108 4.04 -17.77 -7.38
C ARG C 108 4.59 -16.55 -6.71
N ILE C 109 5.31 -16.78 -5.59
CA ILE C 109 6.13 -15.82 -4.89
C ILE C 109 7.61 -15.91 -5.26
N ARG C 110 8.18 -14.79 -5.69
CA ARG C 110 9.55 -14.81 -6.11
C ARG C 110 10.21 -13.57 -5.56
N HIS C 111 11.55 -13.56 -5.45
CA HIS C 111 12.30 -12.39 -5.09
C HIS C 111 12.25 -11.36 -6.24
N LYS C 112 11.93 -10.12 -5.92
CA LYS C 112 12.10 -9.03 -6.88
C LYS C 112 13.56 -8.76 -7.19
N SER C 113 13.93 -9.13 -8.41
CA SER C 113 15.23 -8.88 -8.92
C SER C 113 15.69 -7.46 -8.59
N GLY C 114 16.90 -7.35 -8.07
CA GLY C 114 17.56 -6.10 -7.74
C GLY C 114 17.02 -5.36 -6.53
N SER C 115 16.46 -6.10 -5.57
CA SER C 115 15.96 -5.39 -4.40
C SER C 115 16.69 -6.03 -3.24
N ASN C 116 16.83 -5.30 -2.14
CA ASN C 116 17.32 -5.84 -0.86
C ASN C 116 16.61 -7.11 -0.51
N ALA C 117 15.27 -7.06 -0.42
CA ALA C 117 14.51 -8.10 0.32
C ALA C 117 13.01 -8.08 -0.03
N THR C 118 12.71 -7.48 -1.20
CA THR C 118 11.34 -7.57 -1.64
C THR C 118 10.86 -8.78 -2.42
N LEU C 119 9.62 -9.12 -2.21
CA LEU C 119 9.08 -10.31 -2.86
C LEU C 119 7.91 -9.89 -3.74
N VAL C 120 7.51 -10.63 -4.76
CA VAL C 120 6.45 -10.26 -5.66
C VAL C 120 5.67 -11.50 -5.80
N LEU C 121 4.35 -11.43 -5.70
CA LEU C 121 3.51 -12.51 -6.07
C LEU C 121 2.85 -12.17 -7.42
N THR C 122 2.91 -13.08 -8.36
CA THR C 122 2.41 -12.89 -9.77
C THR C 122 1.40 -13.93 -10.20
N ILE C 123 0.33 -13.49 -10.83
CA ILE C 123 -0.51 -14.34 -11.61
C ILE C 123 -0.66 -13.76 -13.00
N ASP C 124 -0.21 -14.53 -14.00
CA ASP C 124 -0.29 -14.18 -15.44
C ASP C 124 -1.12 -15.14 -16.30
N ASN C 125 -1.42 -16.33 -15.77
CA ASN C 125 -2.23 -17.30 -16.50
C ASN C 125 -3.60 -16.69 -16.67
N ARG C 126 -4.07 -16.63 -17.91
CA ARG C 126 -5.26 -15.86 -18.19
C ARG C 126 -6.50 -16.52 -17.62
N GLN C 127 -6.54 -17.86 -17.44
CA GLN C 127 -7.75 -18.50 -16.86
C GLN C 127 -7.80 -18.13 -15.40
N SER C 128 -6.71 -18.32 -14.69
CA SER C 128 -6.60 -17.85 -13.29
C SER C 128 -7.06 -16.38 -13.06
N LEU C 129 -6.64 -15.50 -13.94
CA LEU C 129 -6.91 -14.08 -13.84
C LEU C 129 -8.42 -13.88 -13.97
N GLU C 130 -9.00 -14.53 -14.95
CA GLU C 130 -10.46 -14.61 -15.06
C GLU C 130 -11.30 -15.36 -14.02
N GLU C 131 -10.80 -16.49 -13.57
CA GLU C 131 -11.63 -17.38 -12.68
C GLU C 131 -11.38 -17.06 -11.23
N LYS C 132 -10.20 -16.54 -10.98
CA LYS C 132 -9.78 -16.28 -9.59
C LYS C 132 -9.61 -14.82 -9.27
N VAL C 133 -8.74 -14.11 -10.01
CA VAL C 133 -8.42 -12.76 -9.61
C VAL C 133 -9.58 -11.73 -9.78
N ILE C 134 -10.13 -11.62 -10.94
CA ILE C 134 -11.20 -10.64 -11.14
C ILE C 134 -12.44 -10.99 -10.28
N PRO C 135 -12.93 -12.23 -10.30
CA PRO C 135 -14.01 -12.49 -9.35
C PRO C 135 -13.76 -12.03 -7.92
N PHE C 136 -12.56 -12.27 -7.38
CA PHE C 136 -12.21 -11.70 -6.10
C PHE C 136 -12.35 -10.19 -6.01
N TYR C 137 -11.89 -9.47 -7.05
CA TYR C 137 -11.94 -8.01 -7.05
C TYR C 137 -13.38 -7.58 -7.03
N GLU C 138 -14.21 -8.31 -7.78
CA GLU C 138 -15.65 -8.06 -7.88
C GLU C 138 -16.41 -8.32 -6.55
N GLN C 139 -16.05 -9.38 -5.86
CA GLN C 139 -16.80 -9.78 -4.68
C GLN C 139 -16.33 -8.95 -3.50
N TYR C 140 -15.00 -8.74 -3.36
CA TYR C 140 -14.47 -8.01 -2.17
C TYR C 140 -13.87 -6.67 -2.32
N VAL C 141 -13.25 -6.36 -3.46
CA VAL C 141 -12.54 -5.05 -3.63
C VAL C 141 -13.41 -3.91 -4.02
N VAL C 142 -14.15 -4.05 -5.13
CA VAL C 142 -14.60 -2.89 -5.88
C VAL C 142 -15.57 -1.95 -5.12
N ALA C 143 -16.29 -2.48 -4.13
CA ALA C 143 -17.25 -1.73 -3.32
C ALA C 143 -16.58 -0.62 -2.55
N PHE C 144 -15.37 -0.91 -2.09
CA PHE C 144 -14.63 0.09 -1.31
C PHE C 144 -13.54 0.76 -2.15
N SER C 145 -13.44 0.44 -3.41
CA SER C 145 -12.37 0.92 -4.20
C SER C 145 -12.59 2.32 -4.78
N SER C 146 -11.49 2.99 -5.15
CA SER C 146 -11.52 4.33 -5.80
C SER C 146 -12.07 4.17 -7.19
N PRO C 147 -12.74 5.22 -7.72
CA PRO C 147 -13.11 5.18 -9.11
C PRO C 147 -12.09 4.69 -10.12
N GLU C 148 -10.86 5.21 -10.12
CA GLU C 148 -9.82 4.70 -11.02
C GLU C 148 -9.62 3.21 -10.95
N LYS C 149 -9.62 2.64 -9.76
CA LYS C 149 -9.13 1.24 -9.62
C LYS C 149 -10.27 0.36 -10.11
N VAL C 150 -11.52 0.72 -9.79
CA VAL C 150 -12.76 0.08 -10.30
C VAL C 150 -12.77 0.05 -11.80
N LYS C 151 -12.47 1.17 -12.42
CA LYS C 151 -12.39 1.17 -13.90
C LYS C 151 -11.23 0.28 -14.44
N ARG C 152 -10.10 0.20 -13.72
CA ARG C 152 -8.99 -0.70 -14.20
C ARG C 152 -9.46 -2.13 -14.15
N VAL C 153 -10.16 -2.48 -13.10
CA VAL C 153 -10.80 -3.82 -13.04
C VAL C 153 -11.73 -4.08 -14.24
N ALA C 154 -12.55 -3.07 -14.64
CA ALA C 154 -13.53 -3.38 -15.68
C ALA C 154 -12.77 -3.54 -16.99
N ASN C 155 -11.83 -2.68 -17.19
CA ASN C 155 -11.01 -2.73 -18.42
C ASN C 155 -10.09 -3.95 -18.54
N PHE C 156 -9.43 -4.36 -17.44
CA PHE C 156 -8.76 -5.66 -17.39
C PHE C 156 -9.67 -6.77 -17.83
N LYS C 157 -10.82 -6.81 -17.20
CA LYS C 157 -11.83 -7.85 -17.51
C LYS C 157 -12.27 -7.79 -18.99
N ALA C 158 -12.38 -6.57 -19.53
CA ALA C 158 -12.83 -6.39 -20.96
C ALA C 158 -11.80 -6.99 -21.89
N LEU C 159 -10.53 -6.85 -21.55
CA LEU C 159 -9.40 -7.41 -22.34
C LEU C 159 -9.38 -8.87 -22.30
N LEU C 160 -9.57 -9.42 -21.12
CA LEU C 160 -9.56 -10.87 -20.95
C LEU C 160 -10.65 -11.50 -21.83
N GLU C 161 -11.81 -10.81 -22.00
CA GLU C 161 -12.96 -11.39 -22.77
C GLU C 161 -12.68 -11.29 -24.22
N LEU C 162 -12.12 -10.17 -24.67
CA LEU C 162 -11.56 -10.02 -26.03
C LEU C 162 -10.58 -11.15 -26.40
N PHE C 163 -9.61 -11.44 -25.52
CA PHE C 163 -8.62 -12.50 -25.79
C PHE C 163 -9.26 -13.85 -25.92
N ASN C 164 -10.24 -14.14 -25.03
CA ASN C 164 -11.08 -15.32 -25.15
C ASN C 164 -11.81 -15.54 -26.48
N ASN C 165 -12.26 -14.42 -27.07
CA ASN C 165 -12.85 -14.38 -28.42
C ASN C 165 -11.85 -14.14 -29.54
N ASP C 166 -10.57 -14.12 -29.20
CA ASP C 166 -9.50 -14.03 -30.20
C ASP C 166 -9.36 -12.64 -30.91
N ALA C 167 -9.91 -11.56 -30.34
CA ALA C 167 -9.75 -10.26 -30.96
C ALA C 167 -8.30 -9.99 -31.29
N HIS C 168 -7.33 -10.55 -30.54
CA HIS C 168 -5.89 -10.20 -30.76
C HIS C 168 -5.24 -10.77 -32.01
N GLN C 169 -5.91 -11.67 -32.69
CA GLN C 169 -5.34 -12.23 -33.90
C GLN C 169 -6.17 -11.83 -35.19
N ASP C 170 -6.99 -10.81 -35.01
CA ASP C 170 -7.77 -10.11 -35.97
C ASP C 170 -7.18 -8.70 -35.91
N LEU C 171 -6.57 -8.27 -37.00
CA LEU C 171 -5.93 -6.92 -37.06
C LEU C 171 -6.84 -5.75 -36.62
N GLU C 172 -8.09 -5.77 -37.02
CA GLU C 172 -9.00 -4.66 -36.76
C GLU C 172 -9.35 -4.46 -35.28
N GLN C 173 -9.75 -5.54 -34.63
CA GLN C 173 -10.04 -5.51 -33.23
C GLN C 173 -8.77 -5.24 -32.43
N LEU C 174 -7.62 -5.79 -32.84
CA LEU C 174 -6.37 -5.50 -32.17
C LEU C 174 -6.14 -4.02 -32.17
N VAL C 175 -6.27 -3.42 -33.38
CA VAL C 175 -6.05 -1.97 -33.55
C VAL C 175 -7.15 -1.20 -32.87
N ASN C 176 -8.38 -1.63 -33.04
CA ASN C 176 -9.48 -0.74 -32.65
C ASN C 176 -10.15 -0.89 -31.29
N LYS C 177 -10.28 -2.11 -30.78
CA LYS C 177 -10.70 -2.40 -29.41
C LYS C 177 -9.52 -2.71 -28.40
N ILE C 178 -8.61 -3.64 -28.69
CA ILE C 178 -7.55 -4.01 -27.74
C ILE C 178 -6.55 -2.91 -27.35
N LEU C 179 -5.90 -2.33 -28.35
CA LEU C 179 -4.85 -1.36 -28.12
C LEU C 179 -5.34 -0.10 -27.39
N PRO C 180 -6.56 0.38 -27.75
CA PRO C 180 -7.09 1.53 -27.02
C PRO C 180 -7.36 1.27 -25.56
N ILE C 181 -7.79 0.09 -25.16
CA ILE C 181 -7.87 -0.19 -23.70
C ILE C 181 -6.48 -0.20 -23.07
N TRP C 182 -5.52 -0.90 -23.68
CA TRP C 182 -4.12 -0.82 -23.21
C TRP C 182 -3.62 0.59 -22.96
N ASP C 183 -3.83 1.44 -23.97
CA ASP C 183 -3.40 2.85 -23.96
C ASP C 183 -4.02 3.61 -22.79
N GLN C 184 -5.33 3.48 -22.57
CA GLN C 184 -6.09 4.16 -21.43
C GLN C 184 -5.59 3.66 -20.06
N MET C 185 -5.16 2.41 -19.98
CA MET C 185 -4.66 1.91 -18.65
C MET C 185 -3.19 2.15 -18.38
N ARG C 186 -2.49 2.76 -19.36
CA ARG C 186 -1.06 3.00 -19.10
C ARG C 186 -0.74 3.86 -17.94
N LYS C 187 0.33 3.56 -17.20
CA LYS C 187 0.71 4.40 -16.08
C LYS C 187 2.14 4.90 -16.23
N GLN C 188 2.89 4.28 -17.15
CA GLN C 188 4.32 4.65 -17.40
C GLN C 188 4.65 5.15 -18.84
N GLN C 189 3.67 5.64 -19.59
CA GLN C 189 3.93 6.31 -20.88
C GLN C 189 5.03 7.35 -20.75
N GLY C 190 6.01 7.31 -21.69
CA GLY C 190 7.21 8.19 -21.59
C GLY C 190 8.40 7.68 -20.78
N GLN C 191 8.26 6.50 -20.15
CA GLN C 191 9.40 5.86 -19.47
C GLN C 191 10.33 5.39 -20.54
N SER C 192 11.61 5.34 -20.23
CA SER C 192 12.67 5.10 -21.19
C SER C 192 12.60 3.72 -21.76
N ASN C 193 12.15 2.76 -20.92
CA ASN C 193 11.95 1.34 -21.37
C ASN C 193 10.64 0.98 -22.15
N GLU C 194 9.77 1.96 -22.38
CA GLU C 194 8.43 1.70 -22.90
C GLU C 194 8.55 1.00 -24.24
N GLY C 195 7.62 0.08 -24.53
CA GLY C 195 7.70 -0.66 -25.75
C GLY C 195 7.16 0.24 -26.91
N PHE C 196 6.04 0.98 -26.67
CA PHE C 196 5.50 2.02 -27.63
C PHE C 196 5.28 3.41 -27.01
N PRO C 197 5.74 4.46 -27.77
CA PRO C 197 5.63 5.87 -27.34
C PRO C 197 4.21 6.23 -27.00
N ASN C 198 3.28 5.72 -27.80
CA ASN C 198 1.93 6.17 -27.74
C ASN C 198 1.06 5.25 -28.49
N LEU C 199 -0.25 5.49 -28.47
CA LEU C 199 -1.21 4.63 -29.16
C LEU C 199 -1.02 4.46 -30.71
N GLU C 200 -0.74 5.59 -31.40
CA GLU C 200 -0.64 5.64 -32.84
C GLU C 200 0.49 4.77 -33.35
N ALA C 201 1.68 4.94 -32.76
CA ALA C 201 2.81 4.17 -33.03
C ALA C 201 2.55 2.65 -32.94
N ALA C 202 1.67 2.22 -32.02
CA ALA C 202 1.39 0.78 -31.79
C ALA C 202 0.41 0.25 -32.83
N GLN C 203 -0.64 1.02 -33.09
CA GLN C 203 -1.48 0.74 -34.24
C GLN C 203 -0.69 0.73 -35.59
N ASP C 204 0.35 1.58 -35.78
CA ASP C 204 1.07 1.69 -37.06
C ASP C 204 1.92 0.44 -37.21
N PHE C 205 2.60 0.07 -36.13
CA PHE C 205 3.47 -1.10 -36.13
C PHE C 205 2.69 -2.39 -36.45
N ALA C 206 1.50 -2.50 -35.88
CA ALA C 206 0.68 -3.65 -36.09
C ALA C 206 0.27 -3.66 -37.56
N ARG C 207 -0.06 -2.48 -38.09
CA ARG C 207 -0.38 -2.48 -39.55
C ARG C 207 0.86 -2.65 -40.47
N ILE D 1 -10.25 12.27 -11.82
CA ILE D 1 -9.19 11.20 -12.08
C ILE D 1 -8.04 11.75 -12.95
N LEU D 2 -7.01 12.23 -12.29
CA LEU D 2 -5.92 12.84 -13.00
C LEU D 2 -4.73 11.89 -13.31
N LYS D 3 -4.20 12.05 -14.51
CA LYS D 3 -3.20 11.17 -15.04
C LYS D 3 -1.81 11.40 -14.42
N PRO D 4 -0.85 10.47 -14.66
CA PRO D 4 0.53 10.64 -14.19
C PRO D 4 1.19 11.98 -14.65
N GLY D 5 1.99 12.59 -13.78
CA GLY D 5 2.66 13.87 -14.09
C GLY D 5 1.72 15.07 -14.07
N GLU D 6 0.42 14.81 -14.06
CA GLU D 6 -0.61 15.85 -14.03
C GLU D 6 -0.86 16.44 -12.58
N LYS D 7 -0.72 17.76 -12.42
CA LYS D 7 -0.76 18.38 -11.07
C LYS D 7 -2.18 18.68 -10.51
N LEU D 8 -2.27 18.71 -9.19
CA LEU D 8 -3.48 19.24 -8.51
C LEU D 8 -3.55 20.73 -8.80
N PRO D 9 -4.68 21.19 -9.37
CA PRO D 9 -4.85 22.59 -9.72
C PRO D 9 -4.71 23.43 -8.45
N GLN D 10 -4.06 24.60 -8.56
CA GLN D 10 -3.73 25.45 -7.41
C GLN D 10 -4.99 25.86 -6.65
N ASP D 11 -6.14 25.84 -7.30
CA ASP D 11 -7.34 26.30 -6.65
C ASP D 11 -7.86 25.31 -5.68
N LYS D 12 -7.93 24.05 -6.09
CA LYS D 12 -8.36 22.95 -5.22
C LYS D 12 -7.42 22.93 -4.02
N LEU D 13 -6.15 23.16 -4.31
CA LEU D 13 -5.16 23.37 -3.28
C LEU D 13 -5.52 24.50 -2.28
N GLU D 14 -5.86 25.68 -2.81
CA GLU D 14 -6.43 26.76 -2.02
C GLU D 14 -7.60 26.33 -1.18
N GLU D 15 -8.59 25.69 -1.81
CA GLU D 15 -9.77 25.33 -1.05
C GLU D 15 -9.48 24.33 0.10
N LEU D 16 -8.63 23.35 -0.16
CA LEU D 16 -8.18 22.45 0.91
C LEU D 16 -7.55 23.17 2.10
N LYS D 17 -6.69 24.15 1.85
CA LYS D 17 -6.06 24.85 2.94
C LYS D 17 -7.18 25.53 3.74
N LYS D 18 -8.18 26.01 2.99
CA LYS D 18 -9.28 26.72 3.57
C LYS D 18 -10.18 25.84 4.44
N ILE D 19 -10.51 24.64 3.99
CA ILE D 19 -11.46 23.86 4.75
C ILE D 19 -10.88 23.21 6.00
N ASN D 20 -9.55 23.14 6.02
CA ASN D 20 -8.76 22.68 7.12
C ASN D 20 -8.70 23.82 8.11
N ASP D 21 -8.76 25.05 7.60
CA ASP D 21 -8.69 26.24 8.47
C ASP D 21 -10.00 26.45 9.19
N ALA D 22 -11.06 26.11 8.50
CA ALA D 22 -12.40 26.11 9.01
C ALA D 22 -12.63 25.14 10.15
N VAL D 23 -12.15 23.90 10.05
CA VAL D 23 -12.45 22.97 11.14
C VAL D 23 -11.64 23.32 12.31
N LYS D 24 -10.44 23.84 12.06
CA LYS D 24 -9.58 24.31 13.17
C LYS D 24 -10.39 25.28 14.09
N LYS D 25 -11.12 26.21 13.45
CA LYS D 25 -11.92 27.27 14.15
C LYS D 25 -13.23 26.83 14.86
N THR D 26 -14.01 26.04 14.15
CA THR D 26 -15.29 25.63 14.59
C THR D 26 -15.28 24.26 15.19
N LYS D 27 -14.31 23.41 14.83
CA LYS D 27 -14.18 22.02 15.32
C LYS D 27 -15.33 21.18 14.82
N ASN D 28 -16.02 21.71 13.82
CA ASN D 28 -17.15 20.98 13.22
C ASN D 28 -16.65 19.88 12.26
N PHE D 29 -16.36 18.69 12.84
CA PHE D 29 -15.83 17.57 12.02
C PHE D 29 -16.83 17.15 10.98
N SER D 30 -18.05 16.98 11.44
CA SER D 30 -19.20 16.78 10.55
C SER D 30 -19.18 17.71 9.34
N LYS D 31 -18.69 18.92 9.49
CA LYS D 31 -18.68 19.85 8.35
C LYS D 31 -17.37 19.67 7.50
N TYR D 32 -16.27 19.37 8.20
CA TYR D 32 -15.02 18.85 7.57
C TYR D 32 -15.26 17.76 6.52
N LEU D 33 -15.97 16.69 6.90
CA LEU D 33 -16.38 15.61 6.03
C LEU D 33 -17.18 16.08 4.85
N ILE D 34 -18.18 16.89 5.13
CA ILE D 34 -19.00 17.44 4.09
C ILE D 34 -18.19 18.21 3.10
N ASP D 35 -17.30 19.07 3.61
CA ASP D 35 -16.42 19.92 2.79
C ASP D 35 -15.55 19.11 1.78
N LEU D 36 -14.83 18.13 2.34
CA LEU D 36 -14.05 17.10 1.62
C LEU D 36 -14.84 16.41 0.50
N ARG D 37 -16.02 15.88 0.79
CA ARG D 37 -16.74 15.13 -0.21
C ARG D 37 -17.08 16.00 -1.36
N LYS D 38 -17.31 17.28 -1.09
CA LYS D 38 -17.76 18.18 -2.16
C LYS D 38 -16.53 18.61 -2.90
N LEU D 39 -15.46 18.99 -2.18
CA LEU D 39 -14.20 19.30 -2.86
C LEU D 39 -13.67 18.17 -3.83
N PHE D 40 -13.62 16.92 -3.37
CA PHE D 40 -13.01 15.81 -4.10
C PHE D 40 -14.06 14.98 -4.77
N GLN D 41 -15.32 15.36 -4.53
CA GLN D 41 -16.46 14.82 -5.26
C GLN D 41 -16.44 13.35 -4.93
N ILE D 42 -16.66 13.02 -3.65
CA ILE D 42 -16.45 11.67 -3.11
C ILE D 42 -17.76 11.05 -2.71
N ASP D 43 -18.02 9.84 -3.15
CA ASP D 43 -19.27 9.26 -2.72
C ASP D 43 -19.27 8.87 -1.22
N GLU D 44 -20.44 9.05 -0.57
CA GLU D 44 -20.70 8.53 0.79
C GLU D 44 -20.10 7.14 1.02
N VAL D 45 -19.60 6.93 2.22
CA VAL D 45 -19.26 5.55 2.61
C VAL D 45 -19.82 5.19 3.99
N GLN D 46 -20.69 4.19 4.04
CA GLN D 46 -21.17 3.74 5.33
C GLN D 46 -20.04 2.98 5.98
N VAL D 47 -19.97 3.11 7.31
CA VAL D 47 -18.91 2.54 8.12
C VAL D 47 -19.43 1.24 8.78
N THR D 48 -19.16 0.10 8.12
CA THR D 48 -19.67 -1.23 8.53
C THR D 48 -18.48 -2.03 9.00
N SER D 49 -18.69 -3.14 9.68
CA SER D 49 -17.57 -4.01 10.02
C SER D 49 -16.74 -4.48 8.78
N GLU D 50 -17.34 -4.50 7.61
CA GLU D 50 -16.68 -4.90 6.42
C GLU D 50 -15.70 -3.83 5.85
N SER D 51 -16.19 -2.59 5.76
CA SER D 51 -15.43 -1.43 5.29
C SER D 51 -14.26 -1.22 6.22
N LYS D 52 -14.42 -1.63 7.48
CA LYS D 52 -13.35 -1.50 8.44
C LYS D 52 -12.25 -2.55 8.30
N LEU D 53 -12.60 -3.77 8.03
CA LEU D 53 -11.61 -4.78 7.59
C LEU D 53 -10.86 -4.35 6.27
N PHE D 54 -11.56 -3.87 5.27
CA PHE D 54 -10.98 -3.23 4.13
C PHE D 54 -9.98 -2.14 4.46
N LEU D 55 -10.37 -1.21 5.31
CA LEU D 55 -9.46 -0.27 5.82
C LEU D 55 -8.25 -0.85 6.50
N ALA D 56 -8.47 -1.79 7.41
CA ALA D 56 -7.41 -2.44 8.13
C ALA D 56 -6.31 -2.99 7.21
N GLY D 57 -6.73 -3.69 6.11
CA GLY D 57 -5.72 -4.28 5.15
C GLY D 57 -5.04 -3.15 4.35
N PHE D 58 -5.80 -2.08 4.04
CA PHE D 58 -5.23 -0.88 3.45
C PHE D 58 -4.18 -0.24 4.32
N LEU D 59 -4.35 -0.16 5.65
CA LEU D 59 -3.38 0.41 6.51
C LEU D 59 -2.14 -0.47 6.59
N GLU D 60 -2.34 -1.78 6.58
CA GLU D 60 -1.23 -2.71 6.57
C GLU D 60 -0.30 -2.36 5.39
N GLY D 61 -0.85 -2.15 4.19
CA GLY D 61 -0.10 -1.69 3.02
C GLY D 61 0.41 -0.27 3.14
N GLU D 62 -0.47 0.64 3.56
CA GLU D 62 -0.23 2.07 3.26
C GLU D 62 0.04 3.05 4.38
N ALA D 63 -0.30 2.67 5.60
CA ALA D 63 -0.19 3.52 6.78
C ALA D 63 1.10 3.33 7.54
N SER D 64 1.43 4.32 8.38
CA SER D 64 2.65 4.29 9.21
C SER D 64 2.42 4.92 10.60
N LEU D 65 2.77 4.17 11.63
CA LEU D 65 2.94 4.67 12.95
C LEU D 65 4.46 5.02 13.18
N ASN D 66 4.84 6.30 13.23
CA ASN D 66 6.21 6.69 13.44
C ASN D 66 6.40 7.70 14.51
N ILE D 67 7.66 7.79 14.95
CA ILE D 67 8.13 8.63 16.03
C ILE D 67 9.35 9.43 15.58
N SER D 68 9.26 10.76 15.65
CA SER D 68 10.40 11.66 15.43
C SER D 68 11.06 12.18 16.71
N THR D 69 12.35 12.46 16.66
CA THR D 69 12.96 13.24 17.78
C THR D 69 13.79 14.34 17.16
N LYS D 70 13.37 15.54 17.48
CA LYS D 70 13.85 16.79 16.92
C LYS D 70 14.29 17.79 18.04
N LYS D 71 15.15 18.72 17.70
CA LYS D 71 15.64 19.66 18.71
C LYS D 71 14.64 20.81 18.98
N LEU D 72 14.24 20.99 20.23
CA LEU D 72 13.44 22.22 20.52
C LEU D 72 13.99 22.92 21.75
N ALA D 73 14.60 24.08 21.51
CA ALA D 73 15.47 24.77 22.47
C ALA D 73 14.71 25.06 23.76
N THR D 74 13.51 25.63 23.56
CA THR D 74 12.54 25.95 24.61
C THR D 74 12.00 24.76 25.46
N SER D 75 12.00 23.56 24.86
CA SER D 75 11.72 22.30 25.56
C SER D 75 12.59 22.04 26.79
N LYS D 76 12.04 21.30 27.76
CA LYS D 76 12.67 21.07 29.05
C LYS D 76 14.09 20.53 28.92
N PHE D 77 14.29 19.71 27.89
CA PHE D 77 15.61 19.21 27.52
C PHE D 77 15.90 19.85 26.17
N GLY D 78 16.72 19.28 25.33
CA GLY D 78 16.95 19.99 24.06
C GLY D 78 16.00 19.50 23.00
N LEU D 79 15.18 18.51 23.35
CA LEU D 79 14.58 17.68 22.35
C LEU D 79 13.09 17.32 22.57
N VAL D 80 12.46 16.75 21.56
CA VAL D 80 11.03 16.45 21.68
C VAL D 80 10.72 15.25 20.83
N VAL D 81 10.11 14.26 21.47
CA VAL D 81 9.66 13.03 20.84
C VAL D 81 8.16 13.16 20.42
N ASP D 82 7.95 13.03 19.13
CA ASP D 82 6.77 13.44 18.51
C ASP D 82 6.27 12.24 17.64
N PRO D 83 5.32 11.41 18.15
CA PRO D 83 4.63 10.35 17.34
C PRO D 83 3.59 10.85 16.34
N GLU D 84 3.32 10.09 15.30
CA GLU D 84 2.27 10.47 14.40
C GLU D 84 1.75 9.20 13.75
N PHE D 85 0.48 9.23 13.30
CA PHE D 85 -0.08 8.25 12.42
C PHE D 85 -0.26 8.96 11.13
N ASN D 86 0.16 8.38 10.01
CA ASN D 86 -0.05 9.02 8.69
C ASN D 86 -0.29 8.00 7.62
N VAL D 87 -1.06 8.42 6.64
CA VAL D 87 -1.37 7.53 5.53
C VAL D 87 -1.34 8.39 4.32
N THR D 88 -0.64 7.93 3.28
CA THR D 88 -0.47 8.68 2.04
C THR D 88 -1.32 8.09 0.90
N ARG D 89 -1.66 8.89 -0.09
CA ARG D 89 -2.34 8.33 -1.23
C ARG D 89 -2.47 9.46 -2.24
N HIS D 90 -2.26 9.15 -3.51
CA HIS D 90 -2.66 9.96 -4.66
C HIS D 90 -4.18 10.33 -4.66
N VAL D 91 -4.50 11.58 -5.04
CA VAL D 91 -5.87 12.12 -5.07
C VAL D 91 -6.84 11.14 -5.61
N ASN D 92 -6.57 10.56 -6.79
CA ASN D 92 -7.42 9.47 -7.34
C ASN D 92 -7.91 8.48 -6.32
N GLY D 93 -7.11 8.29 -5.25
CA GLY D 93 -7.47 7.31 -4.16
C GLY D 93 -8.04 7.89 -2.87
N VAL D 94 -8.44 9.18 -2.86
CA VAL D 94 -8.92 9.83 -1.62
C VAL D 94 -10.13 9.14 -0.97
N LYS D 95 -10.93 8.44 -1.74
CA LYS D 95 -12.07 7.77 -1.19
C LYS D 95 -11.68 6.97 0.00
N VAL D 96 -10.49 6.34 -0.01
CA VAL D 96 -10.07 5.39 1.04
C VAL D 96 -9.52 6.16 2.26
N LEU D 97 -8.90 7.32 1.97
CA LEU D 97 -8.47 8.25 3.00
C LEU D 97 -9.68 8.85 3.78
N TYR D 98 -10.68 9.16 2.99
CA TYR D 98 -11.93 9.66 3.46
C TYR D 98 -12.70 8.62 4.34
N LEU D 99 -12.60 7.34 3.99
CA LEU D 99 -13.07 6.23 4.81
C LEU D 99 -12.37 6.25 6.16
N ALA D 100 -11.05 6.35 6.14
CA ALA D 100 -10.26 6.43 7.41
C ALA D 100 -10.69 7.53 8.35
N LEU D 101 -10.84 8.74 7.82
CA LEU D 101 -11.41 9.86 8.55
C LEU D 101 -12.77 9.60 9.27
N GLU D 102 -13.70 8.88 8.64
CA GLU D 102 -14.99 8.52 9.17
C GLU D 102 -14.94 7.46 10.28
N VAL D 103 -14.01 6.55 10.14
CA VAL D 103 -13.78 5.46 11.07
C VAL D 103 -13.15 6.07 12.32
N PHE D 104 -12.12 6.91 12.11
CA PHE D 104 -11.40 7.47 13.26
C PHE D 104 -12.08 8.69 13.81
N LYS D 105 -12.93 9.31 12.97
CA LYS D 105 -13.70 10.53 13.24
C LYS D 105 -12.76 11.62 13.75
N THR D 106 -11.56 11.68 13.16
CA THR D 106 -10.53 12.72 13.43
C THR D 106 -9.46 12.56 12.38
N GLY D 107 -8.52 13.48 12.28
CA GLY D 107 -7.50 13.42 11.27
C GLY D 107 -7.66 14.63 10.37
N ARG D 108 -6.61 14.93 9.63
CA ARG D 108 -6.65 15.96 8.61
C ARG D 108 -6.01 15.44 7.32
N ILE D 109 -6.62 15.73 6.20
CA ILE D 109 -6.09 15.35 4.91
C ILE D 109 -5.50 16.63 4.34
N ARG D 110 -4.18 16.62 4.07
CA ARG D 110 -3.45 17.71 3.36
C ARG D 110 -2.81 17.26 2.02
N HIS D 111 -2.42 18.20 1.17
CA HIS D 111 -1.54 17.95 0.08
C HIS D 111 -0.09 17.69 0.58
N LYS D 112 0.58 16.77 -0.11
CA LYS D 112 1.90 16.40 0.30
C LYS D 112 2.80 17.33 -0.47
N SER D 113 3.49 18.19 0.26
CA SER D 113 4.37 19.19 -0.35
C SER D 113 5.53 18.59 -1.19
N GLY D 114 5.70 19.03 -2.44
CA GLY D 114 6.75 18.51 -3.37
C GLY D 114 6.18 17.48 -4.32
N SER D 115 4.95 17.07 -4.04
CA SER D 115 4.34 15.98 -4.78
C SER D 115 3.45 16.64 -5.82
N ASN D 116 3.17 15.97 -6.94
CA ASN D 116 2.23 16.49 -7.93
C ASN D 116 0.77 16.56 -7.42
N ALA D 117 0.30 15.46 -6.83
CA ALA D 117 -1.13 15.27 -6.48
C ALA D 117 -1.25 14.29 -5.31
N THR D 118 -0.19 14.13 -4.54
CA THR D 118 -0.30 13.25 -3.40
C THR D 118 -0.87 13.87 -2.09
N LEU D 119 -1.85 13.17 -1.54
CA LEU D 119 -2.46 13.56 -0.25
C LEU D 119 -1.99 12.68 0.90
N VAL D 120 -2.03 13.27 2.08
CA VAL D 120 -1.67 12.60 3.29
C VAL D 120 -2.70 12.89 4.42
N LEU D 121 -3.07 11.86 5.15
CA LEU D 121 -3.87 11.92 6.35
C LEU D 121 -3.00 11.71 7.58
N THR D 122 -3.02 12.64 8.55
CA THR D 122 -2.24 12.55 9.73
C THR D 122 -3.17 12.65 10.94
N ILE D 123 -2.79 11.93 12.01
CA ILE D 123 -3.41 12.11 13.32
C ILE D 123 -2.20 12.20 14.25
N ASP D 124 -2.02 13.39 14.82
CA ASP D 124 -0.97 13.64 15.77
C ASP D 124 -1.32 13.82 17.26
N ASN D 125 -2.59 13.95 17.58
CA ASN D 125 -2.93 14.17 18.97
C ASN D 125 -2.83 12.81 19.72
N ARG D 126 -2.27 12.80 20.92
CA ARG D 126 -1.97 11.57 21.66
C ARG D 126 -3.21 10.87 22.15
N GLN D 127 -4.20 11.66 22.58
CA GLN D 127 -5.54 11.15 22.92
C GLN D 127 -6.27 10.49 21.75
N SER D 128 -6.33 11.15 20.59
CA SER D 128 -6.89 10.54 19.41
C SER D 128 -6.13 9.21 19.06
N LEU D 129 -4.82 9.25 19.12
CA LEU D 129 -3.90 8.05 18.81
C LEU D 129 -4.08 6.86 19.78
N GLU D 130 -4.21 7.13 21.09
CA GLU D 130 -4.67 6.07 22.07
C GLU D 130 -6.12 5.58 21.99
N GLU D 131 -7.07 6.47 21.68
CA GLU D 131 -8.49 6.12 21.83
C GLU D 131 -9.07 5.60 20.50
N LYS D 132 -8.48 6.12 19.43
CA LYS D 132 -9.03 5.88 18.11
C LYS D 132 -8.15 4.99 17.27
N VAL D 133 -6.85 5.31 17.17
CA VAL D 133 -5.97 4.65 16.19
C VAL D 133 -5.45 3.33 16.71
N ILE D 134 -4.74 3.33 17.82
CA ILE D 134 -4.31 2.07 18.44
C ILE D 134 -5.44 1.06 18.65
N PRO D 135 -6.57 1.43 19.28
CA PRO D 135 -7.64 0.37 19.36
C PRO D 135 -8.20 -0.16 18.02
N PHE D 136 -8.30 0.70 16.98
CA PHE D 136 -8.45 0.17 15.63
C PHE D 136 -7.49 -0.98 15.20
N TYR D 137 -6.19 -0.78 15.35
CA TYR D 137 -5.20 -1.77 14.92
C TYR D 137 -5.39 -3.08 15.70
N GLU D 138 -5.66 -2.97 17.01
CA GLU D 138 -5.71 -4.12 17.91
C GLU D 138 -6.93 -4.89 17.53
N GLN D 139 -7.96 -4.16 17.13
CA GLN D 139 -9.24 -4.78 16.80
C GLN D 139 -9.24 -5.34 15.38
N TYR D 140 -8.72 -4.61 14.38
CA TYR D 140 -8.92 -5.07 13.02
C TYR D 140 -7.69 -5.35 12.24
N VAL D 141 -6.55 -4.86 12.70
CA VAL D 141 -5.31 -5.12 11.97
C VAL D 141 -4.49 -6.31 12.49
N VAL D 142 -4.36 -6.45 13.79
CA VAL D 142 -3.24 -7.25 14.36
C VAL D 142 -3.27 -8.75 14.01
N ALA D 143 -4.48 -9.31 14.00
CA ALA D 143 -4.73 -10.68 13.65
C ALA D 143 -4.13 -11.08 12.29
N PHE D 144 -4.28 -10.18 11.30
CA PHE D 144 -3.81 -10.48 9.94
C PHE D 144 -2.47 -9.85 9.53
N SER D 145 -1.80 -9.21 10.48
CA SER D 145 -0.73 -8.28 10.17
C SER D 145 0.63 -9.01 10.33
N SER D 146 1.68 -8.46 9.77
CA SER D 146 2.95 -9.14 9.92
C SER D 146 3.56 -8.92 11.31
N PRO D 147 4.48 -9.80 11.75
CA PRO D 147 5.28 -9.49 12.98
C PRO D 147 5.93 -8.10 13.02
N GLU D 148 6.66 -7.64 12.01
CA GLU D 148 7.15 -6.31 12.11
C GLU D 148 6.04 -5.25 12.50
N LYS D 149 4.83 -5.31 11.93
CA LYS D 149 3.78 -4.28 12.15
C LYS D 149 3.06 -4.36 13.44
N VAL D 150 2.85 -5.60 13.89
CA VAL D 150 2.34 -5.89 15.24
C VAL D 150 3.29 -5.29 16.32
N LYS D 151 4.59 -5.45 16.16
CA LYS D 151 5.54 -4.91 17.12
C LYS D 151 5.47 -3.39 17.08
N ARG D 152 5.32 -2.87 15.88
CA ARG D 152 5.22 -1.45 15.63
C ARG D 152 4.11 -0.87 16.51
N VAL D 153 2.98 -1.53 16.48
CA VAL D 153 1.81 -1.19 17.25
C VAL D 153 2.07 -1.27 18.78
N ALA D 154 2.48 -2.42 19.32
CA ALA D 154 2.77 -2.53 20.78
C ALA D 154 3.73 -1.43 21.24
N ASN D 155 4.72 -1.13 20.42
CA ASN D 155 5.67 -0.08 20.75
C ASN D 155 5.20 1.40 20.75
N PHE D 156 4.23 1.65 19.92
CA PHE D 156 3.70 2.96 19.75
C PHE D 156 2.83 3.12 20.96
N LYS D 157 2.06 2.10 21.25
CA LYS D 157 1.26 2.01 22.43
C LYS D 157 2.13 2.20 23.72
N ALA D 158 3.22 1.45 23.88
CA ALA D 158 4.11 1.65 25.04
C ALA D 158 4.49 3.11 25.19
N LEU D 159 5.00 3.72 24.14
CA LEU D 159 5.33 5.12 24.19
C LEU D 159 4.24 6.06 24.69
N LEU D 160 3.00 5.83 24.24
CA LEU D 160 1.94 6.74 24.50
C LEU D 160 1.53 6.63 26.00
N GLU D 161 1.65 5.42 26.57
CA GLU D 161 1.36 5.20 27.96
C GLU D 161 2.43 5.86 28.80
N LEU D 162 3.67 5.82 28.33
CA LEU D 162 4.74 6.49 29.01
C LEU D 162 4.34 7.94 29.12
N PHE D 163 4.17 8.59 27.98
CA PHE D 163 3.69 9.96 27.90
C PHE D 163 2.51 10.29 28.85
N ASN D 164 1.62 9.33 29.05
CA ASN D 164 0.52 9.44 30.01
C ASN D 164 1.04 9.57 31.47
N ASN D 165 2.32 9.26 31.66
CA ASN D 165 2.95 9.23 32.98
C ASN D 165 4.03 10.28 33.09
N ASP D 166 4.08 11.14 32.07
CA ASP D 166 4.96 12.30 32.06
C ASP D 166 6.42 11.90 32.07
N ALA D 167 6.72 10.77 31.44
CA ALA D 167 8.07 10.28 31.36
C ALA D 167 8.97 11.12 30.45
N HIS D 168 8.39 12.10 29.78
CA HIS D 168 9.13 12.98 28.85
C HIS D 168 9.50 14.26 29.62
N GLN D 169 8.80 14.41 30.75
CA GLN D 169 8.96 15.46 31.72
C GLN D 169 10.17 14.99 32.59
N ASP D 170 10.15 13.75 33.11
CA ASP D 170 11.34 13.14 33.74
C ASP D 170 12.58 12.94 32.81
N LEU D 171 13.66 12.37 33.33
CA LEU D 171 14.91 12.25 32.57
C LEU D 171 15.45 10.80 32.52
N GLU D 172 15.30 10.06 33.63
CA GLU D 172 15.70 8.63 33.73
C GLU D 172 14.63 7.66 33.24
N GLN D 173 13.58 8.23 32.65
CA GLN D 173 12.51 7.50 32.04
C GLN D 173 12.63 7.80 30.58
N LEU D 174 12.91 9.07 30.28
CA LEU D 174 13.12 9.57 28.90
C LEU D 174 14.26 8.85 28.17
N VAL D 175 15.46 9.06 28.66
CA VAL D 175 16.69 8.54 28.09
C VAL D 175 16.63 7.02 28.00
N ASN D 176 16.09 6.36 29.04
CA ASN D 176 16.13 4.90 29.13
C ASN D 176 14.87 4.16 28.68
N LYS D 177 13.76 4.88 28.46
CA LYS D 177 12.55 4.20 28.00
C LYS D 177 11.92 4.82 26.78
N ILE D 178 11.82 6.15 26.73
CA ILE D 178 11.31 6.83 25.54
C ILE D 178 12.27 6.77 24.34
N LEU D 179 13.52 7.21 24.49
CA LEU D 179 14.44 7.24 23.36
C LEU D 179 14.70 5.86 22.73
N PRO D 180 14.98 4.80 23.54
CA PRO D 180 14.99 3.45 23.03
C PRO D 180 13.91 3.19 21.93
N ILE D 181 12.64 3.20 22.34
CA ILE D 181 11.50 3.03 21.44
C ILE D 181 11.64 3.88 20.22
N TRP D 182 11.99 5.15 20.35
CA TRP D 182 12.22 5.98 19.16
C TRP D 182 13.24 5.33 18.19
N ASP D 183 14.36 4.89 18.74
CA ASP D 183 15.48 4.34 17.98
C ASP D 183 15.16 3.00 17.28
N GLN D 184 14.56 2.14 18.03
CA GLN D 184 14.11 0.89 17.54
C GLN D 184 13.08 0.96 16.42
N MET D 185 12.44 2.15 16.26
CA MET D 185 11.28 2.31 15.37
C MET D 185 11.68 3.02 14.13
N ARG D 186 12.90 3.55 14.07
CA ARG D 186 13.30 4.34 12.88
C ARG D 186 13.38 3.38 11.71
N LYS D 187 13.12 3.93 10.55
CA LYS D 187 13.22 3.17 9.35
C LYS D 187 14.13 3.98 8.41
N GLN D 188 14.52 5.18 8.84
CA GLN D 188 15.40 6.08 8.05
C GLN D 188 16.58 6.63 8.87
N GLN D 189 17.15 5.82 9.79
CA GLN D 189 18.34 6.21 10.52
C GLN D 189 19.51 6.33 9.56
N GLY D 190 20.08 7.52 9.43
CA GLY D 190 21.11 7.76 8.38
C GLY D 190 20.74 8.87 7.43
N GLN D 191 19.46 9.26 7.45
CA GLN D 191 18.90 10.41 6.70
C GLN D 191 19.83 11.62 6.68
N SER D 192 19.79 12.44 5.62
CA SER D 192 20.56 13.69 5.61
C SER D 192 20.22 14.63 6.82
N ASN D 193 18.99 15.12 6.86
CA ASN D 193 18.62 16.09 7.91
C ASN D 193 18.34 15.51 9.31
N GLU D 194 18.50 14.21 9.47
CA GLU D 194 18.17 13.49 10.73
C GLU D 194 18.41 14.26 12.02
N GLY D 195 17.45 14.19 12.92
CA GLY D 195 17.55 14.93 14.16
C GLY D 195 18.88 14.60 14.75
N PHE D 196 19.12 13.30 14.87
CA PHE D 196 20.25 12.70 15.56
C PHE D 196 20.68 11.45 14.81
N PRO D 197 21.98 11.12 14.88
CA PRO D 197 22.42 9.92 14.18
C PRO D 197 22.32 8.54 14.88
N ASN D 198 22.09 8.51 16.19
CA ASN D 198 21.98 7.23 16.93
C ASN D 198 21.30 7.40 18.32
N LEU D 199 21.14 6.31 19.08
CA LEU D 199 20.44 6.34 20.35
C LEU D 199 21.14 7.30 21.34
N GLU D 200 22.14 6.80 22.10
CA GLU D 200 23.25 7.63 22.70
C GLU D 200 23.44 9.10 22.20
N ALA D 201 23.65 9.35 20.90
CA ALA D 201 23.70 10.78 20.44
C ALA D 201 22.51 11.64 20.97
N ALA D 202 21.32 11.05 20.99
CA ALA D 202 20.14 11.68 21.58
C ALA D 202 20.13 11.58 23.11
N GLN D 203 20.35 10.39 23.66
CA GLN D 203 20.67 10.22 25.10
C GLN D 203 21.78 11.21 25.66
N ASP D 204 22.93 11.30 24.97
CA ASP D 204 23.97 12.29 25.23
C ASP D 204 23.62 13.65 24.65
N PHE D 205 22.37 14.06 24.80
CA PHE D 205 21.95 15.40 24.42
C PHE D 205 20.72 15.74 25.22
N ALA D 206 20.08 14.69 25.76
CA ALA D 206 19.15 14.83 26.85
C ALA D 206 19.95 15.35 28.08
N ARG D 207 21.29 15.36 27.93
CA ARG D 207 22.24 15.67 28.99
C ARG D 207 23.11 16.90 28.73
CA CA E . 1.61 0.63 -0.92
CA CA F . 1.38 -13.73 -20.41
CA CA G . 3.87 17.14 15.53
#